data_3PFZ
#
_entry.id   3PFZ
#
_cell.length_a   74.720
_cell.length_b   74.720
_cell.length_c   169.922
_cell.angle_alpha   90.00
_cell.angle_beta   90.00
_cell.angle_gamma   90.00
#
_symmetry.space_group_name_H-M   'P 41 21 2'
#
loop_
_entity.id
_entity.type
_entity.pdbx_description
1 polymer 'Cellobiohydrolase 1 catalytic domain'
2 branched alpha-D-mannopyranose-(1-3)-beta-D-mannopyranose-(1-4)-2-acetamido-2-deoxy-beta-D-glucopyranose-(1-4)-2-acetamido-2-deoxy-beta-D-glucopyranose
3 branched beta-D-glucopyranose-(1-4)-beta-D-glucopyranose-(1-4)-beta-D-glucopyranose-(1-4)-beta-D-glucopyranose
4 branched beta-D-glucopyranose-(1-4)-beta-D-glucopyranose
5 non-polymer 2-acetamido-2-deoxy-beta-D-glucopyranose
6 non-polymer 'SULFATE ION'
7 water water
#
_entity_poly.entity_id   1
_entity_poly.type   'polypeptide(L)'
_entity_poly.pdbx_seq_one_letter_code
;(PCA)QAGTATAENHPPLTWQECTAPGSCTTQNGAVVLDANWRWVHDVNGYTNCYTGNTWDPTYCPDDETCAQNCALDGA
DYEGTYGVTSSGSSLKLNFVTGSNVGSRLYLLQDDSTYQIFKLLNREFSFDVDVSNLPCGLNGALYFVAMDADGGVSKYP
NNKAGAKYGTGYCDSQCPRDLKFIDGEANVEGWQPSSNNANTGIGDHGSCCAEMDVWEANSISNAVTPHPCDTPGQTMCS
GDDCGGTYSNDRYAGTCDPDGCDFNPYRMGNTSFYGPGKIIDTTKPFTVVTQFLTDDGTDTGTLSEIKRFYIQNSNVIPQ
PNSDISGVTGNSITTEFCTAQKQAFGDTDDFSQHGGLAKMGAAMQQGMVLVMSLWDDYAAQMLWLDSDYPTDADPTTPGI
ARGTCPTDSGVPSDVESQSPNSYVTYSNIKFGPINSTFTAS
;
_entity_poly.pdbx_strand_id   A
#
# COMPACT_ATOMS: atom_id res chain seq x y z
N GLN A 2 -10.02 -22.15 -3.20
CA GLN A 2 -9.82 -23.11 -2.14
C GLN A 2 -8.52 -22.85 -1.38
N ALA A 3 -8.41 -23.45 -0.20
CA ALA A 3 -7.21 -23.37 0.63
C ALA A 3 -6.22 -24.43 0.15
N GLY A 4 -5.06 -23.98 -0.29
CA GLY A 4 -4.10 -24.88 -0.88
C GLY A 4 -3.46 -25.82 0.11
N THR A 5 -3.00 -26.95 -0.42
CA THR A 5 -2.42 -28.03 0.36
C THR A 5 -1.08 -28.53 -0.20
N ALA A 6 -0.60 -28.03 -1.32
CA ALA A 6 0.69 -28.54 -1.84
C ALA A 6 1.88 -28.12 -0.95
N THR A 7 1.88 -26.85 -0.56
CA THR A 7 2.89 -26.22 0.28
C THR A 7 2.18 -25.78 1.55
N ALA A 8 2.76 -26.07 2.70
CA ALA A 8 2.18 -25.67 3.97
C ALA A 8 2.21 -24.16 4.15
N GLU A 9 1.22 -23.64 4.86
CA GLU A 9 1.14 -22.23 5.20
C GLU A 9 1.36 -22.05 6.71
N ASN A 10 2.32 -21.20 7.05
CA ASN A 10 2.55 -20.77 8.42
C ASN A 10 2.87 -19.27 8.34
N HIS A 11 2.17 -18.50 9.15
CA HIS A 11 2.30 -17.04 9.11
C HIS A 11 3.48 -16.57 9.95
N PRO A 12 4.46 -15.87 9.37
CA PRO A 12 5.56 -15.38 10.20
C PRO A 12 5.07 -14.50 11.35
N PRO A 13 5.59 -14.70 12.56
CA PRO A 13 5.16 -13.85 13.68
C PRO A 13 5.76 -12.45 13.59
N LEU A 14 5.05 -11.49 14.16
CA LEU A 14 5.52 -10.10 14.20
C LEU A 14 4.90 -9.43 15.42
N THR A 15 5.73 -8.94 16.33
CA THR A 15 5.19 -8.18 17.44
C THR A 15 4.99 -6.72 17.08
N TRP A 16 4.07 -6.09 17.78
CA TRP A 16 3.83 -4.67 17.67
C TRP A 16 3.30 -4.20 19.02
N GLN A 17 3.22 -2.89 19.22
CA GLN A 17 2.81 -2.36 20.52
C GLN A 17 1.60 -1.48 20.44
N GLU A 18 0.76 -1.61 21.47
CA GLU A 18 -0.31 -0.66 21.76
C GLU A 18 0.13 0.21 22.92
N CYS A 19 0.03 1.52 22.76
CA CYS A 19 0.46 2.45 23.79
C CYS A 19 -0.76 3.16 24.36
N THR A 20 -0.72 3.40 25.67
CA THR A 20 -1.79 4.14 26.33
C THR A 20 -1.38 5.57 26.68
N ALA A 21 -0.09 5.82 26.74
CA ALA A 21 0.49 7.11 27.09
C ALA A 21 1.97 7.01 26.73
N PRO A 22 2.67 8.15 26.64
CA PRO A 22 4.08 8.08 26.26
C PRO A 22 4.89 7.17 27.21
N GLY A 23 5.64 6.23 26.65
CA GLY A 23 6.50 5.37 27.43
C GLY A 23 5.74 4.24 28.08
N SER A 24 4.46 4.12 27.77
CA SER A 24 3.60 3.12 28.39
C SER A 24 2.90 2.30 27.33
N CYS A 25 3.55 1.21 26.92
CA CYS A 25 3.10 0.38 25.83
C CYS A 25 3.16 -1.08 26.22
N THR A 26 2.33 -1.89 25.58
CA THR A 26 2.34 -3.32 25.78
C THR A 26 2.35 -4.05 24.45
N THR A 27 2.84 -5.27 24.48
CA THR A 27 3.17 -6.01 23.28
C THR A 27 2.02 -6.89 22.81
N GLN A 28 1.74 -6.80 21.52
CA GLN A 28 0.80 -7.66 20.81
C GLN A 28 1.58 -8.66 19.97
N ASN A 29 1.14 -9.90 20.03
CA ASN A 29 1.77 -10.99 19.29
C ASN A 29 1.06 -11.20 17.97
N GLY A 30 1.44 -10.40 16.99
CA GLY A 30 0.87 -10.45 15.67
C GLY A 30 1.53 -11.46 14.77
N ALA A 31 1.12 -11.44 13.51
CA ALA A 31 1.70 -12.29 12.46
C ALA A 31 1.36 -11.63 11.14
N VAL A 32 2.03 -12.04 10.08
CA VAL A 32 1.75 -11.53 8.75
C VAL A 32 1.44 -12.63 7.78
N VAL A 33 0.72 -12.27 6.73
CA VAL A 33 0.32 -13.21 5.69
C VAL A 33 0.51 -12.59 4.31
N LEU A 34 1.01 -13.40 3.38
CA LEU A 34 1.25 -13.00 2.01
C LEU A 34 -0.04 -12.90 1.22
N ASP A 35 -0.16 -11.83 0.44
CA ASP A 35 -1.28 -11.64 -0.46
C ASP A 35 -1.44 -12.80 -1.45
N ALA A 36 -2.71 -13.12 -1.70
CA ALA A 36 -3.10 -14.22 -2.56
C ALA A 36 -2.45 -14.22 -3.93
N ASN A 37 -2.23 -13.06 -4.53
CA ASN A 37 -1.72 -13.00 -5.90
C ASN A 37 -0.32 -13.59 -6.08
N TRP A 38 0.45 -13.68 -4.99
CA TRP A 38 1.81 -14.22 -5.07
C TRP A 38 1.85 -15.74 -5.05
N ARG A 39 0.72 -16.38 -4.77
CA ARG A 39 0.69 -17.81 -4.52
C ARG A 39 0.48 -18.62 -5.78
N TRP A 40 1.09 -19.79 -5.82
CA TRP A 40 0.76 -20.75 -6.86
C TRP A 40 -0.72 -21.10 -6.78
N VAL A 41 -1.37 -21.18 -7.93
CA VAL A 41 -2.76 -21.58 -7.99
C VAL A 41 -2.80 -22.98 -8.58
N HIS A 42 -3.09 -23.97 -7.71
CA HIS A 42 -3.03 -25.38 -8.07
C HIS A 42 -4.42 -26.00 -8.13
N ASP A 43 -4.61 -26.93 -9.06
CA ASP A 43 -5.87 -27.63 -9.10
C ASP A 43 -5.95 -28.48 -7.82
N VAL A 44 -7.14 -28.53 -7.23
CA VAL A 44 -7.29 -29.10 -5.90
C VAL A 44 -6.91 -30.58 -5.85
N ASN A 45 -7.16 -31.32 -6.93
CA ASN A 45 -6.96 -32.76 -6.96
C ASN A 45 -5.55 -33.21 -7.33
N GLY A 46 -5.01 -32.67 -8.43
CA GLY A 46 -3.78 -33.18 -9.02
C GLY A 46 -2.54 -32.35 -8.77
N TYR A 47 -2.69 -31.19 -8.13
CA TYR A 47 -1.55 -30.32 -7.88
C TYR A 47 -0.85 -29.92 -9.18
N THR A 48 -1.65 -29.53 -10.17
CA THR A 48 -1.13 -28.98 -11.41
C THR A 48 -1.58 -27.53 -11.56
N ASN A 49 -1.06 -26.82 -12.55
CA ASN A 49 -1.33 -25.39 -12.67
C ASN A 49 -2.76 -25.09 -13.07
N CYS A 50 -3.44 -24.23 -12.31
CA CYS A 50 -4.62 -23.55 -12.81
C CYS A 50 -4.26 -22.28 -13.56
N TYR A 51 -3.09 -21.72 -13.26
CA TYR A 51 -2.62 -20.45 -13.81
C TYR A 51 -1.13 -20.65 -14.02
N THR A 52 -0.66 -20.36 -15.25
CA THR A 52 0.72 -20.58 -15.63
C THR A 52 1.23 -19.33 -16.32
N GLY A 53 2.24 -18.68 -15.72
CA GLY A 53 2.76 -17.45 -16.28
C GLY A 53 1.72 -16.37 -16.13
N ASN A 54 1.00 -16.10 -17.20
CA ASN A 54 -0.13 -15.18 -17.07
C ASN A 54 -1.40 -15.65 -17.76
N THR A 55 -1.54 -16.96 -17.94
CA THR A 55 -2.78 -17.50 -18.49
C THR A 55 -3.36 -18.63 -17.65
N TRP A 56 -4.69 -18.75 -17.74
CA TRP A 56 -5.46 -19.72 -17.00
C TRP A 56 -5.66 -21.02 -17.77
N ASP A 57 -5.78 -22.14 -17.04
CA ASP A 57 -6.06 -23.44 -17.65
C ASP A 57 -7.54 -23.54 -17.98
N PRO A 58 -7.89 -23.91 -19.22
CA PRO A 58 -9.29 -23.88 -19.63
C PRO A 58 -10.14 -25.05 -19.12
N THR A 59 -9.51 -26.11 -18.65
CA THR A 59 -10.27 -27.22 -18.06
C THR A 59 -10.64 -26.90 -16.62
N TYR A 60 -9.68 -26.43 -15.84
CA TYR A 60 -9.98 -26.11 -14.45
C TYR A 60 -10.75 -24.80 -14.35
N CYS A 61 -10.49 -23.87 -15.27
CA CYS A 61 -11.02 -22.51 -15.19
C CYS A 61 -11.74 -22.09 -16.47
N PRO A 62 -12.82 -22.79 -16.82
CA PRO A 62 -13.60 -22.40 -18.00
C PRO A 62 -14.39 -21.11 -17.76
N ASP A 63 -14.66 -20.79 -16.49
CA ASP A 63 -15.37 -19.57 -16.13
C ASP A 63 -14.96 -19.23 -14.69
N ASP A 64 -15.40 -18.08 -14.22
CA ASP A 64 -14.92 -17.53 -12.96
C ASP A 64 -15.29 -18.40 -11.75
N GLU A 65 -16.52 -18.89 -11.74
CA GLU A 65 -17.03 -19.66 -10.61
C GLU A 65 -16.41 -21.06 -10.57
N THR A 66 -16.37 -21.73 -11.71
CA THR A 66 -15.81 -23.08 -11.77
C THR A 66 -14.33 -23.06 -11.36
N CYS A 67 -13.61 -22.04 -11.81
CA CYS A 67 -12.21 -21.88 -11.45
C CYS A 67 -12.03 -21.78 -9.93
N ALA A 68 -12.86 -20.96 -9.28
CA ALA A 68 -12.77 -20.82 -7.83
C ALA A 68 -13.06 -22.13 -7.09
N GLN A 69 -13.93 -22.96 -7.65
CA GLN A 69 -14.22 -24.27 -7.08
C GLN A 69 -13.09 -25.29 -7.28
N ASN A 70 -12.41 -25.21 -8.43
CA ASN A 70 -11.43 -26.23 -8.82
C ASN A 70 -10.01 -25.92 -8.39
N CYS A 71 -9.76 -24.68 -7.95
CA CYS A 71 -8.39 -24.18 -7.79
C CYS A 71 -8.17 -23.64 -6.39
N ALA A 72 -6.95 -23.84 -5.91
CA ALA A 72 -6.54 -23.47 -4.58
C ALA A 72 -5.35 -22.53 -4.61
N LEU A 73 -5.32 -21.63 -3.63
CA LEU A 73 -4.17 -20.78 -3.38
C LEU A 73 -3.19 -21.56 -2.50
N ASP A 74 -1.98 -21.80 -2.98
CA ASP A 74 -1.03 -22.59 -2.25
C ASP A 74 -0.47 -21.86 -1.03
N GLY A 75 0.08 -22.63 -0.09
CA GLY A 75 0.90 -22.04 0.95
C GLY A 75 2.16 -21.42 0.39
N ALA A 76 2.85 -20.65 1.24
CA ALA A 76 4.01 -19.87 0.86
C ALA A 76 5.23 -20.22 1.68
N ASP A 77 6.36 -20.44 0.99
CA ASP A 77 7.65 -20.55 1.65
C ASP A 77 8.20 -19.11 1.76
N TYR A 78 7.89 -18.48 2.88
CA TYR A 78 8.09 -17.05 3.02
C TYR A 78 9.54 -16.63 2.74
N GLU A 79 10.50 -17.23 3.41
CA GLU A 79 11.89 -16.83 3.23
C GLU A 79 12.43 -17.33 1.89
N GLY A 80 12.31 -18.62 1.64
CA GLY A 80 12.99 -19.22 0.50
C GLY A 80 12.46 -18.82 -0.85
N THR A 81 11.15 -18.60 -0.95
CA THR A 81 10.53 -18.23 -2.20
C THR A 81 10.29 -16.73 -2.33
N TYR A 82 9.93 -16.08 -1.23
CA TYR A 82 9.47 -14.68 -1.29
C TYR A 82 10.42 -13.68 -0.65
N GLY A 83 11.47 -14.16 0.02
CA GLY A 83 12.41 -13.24 0.66
C GLY A 83 11.84 -12.45 1.82
N VAL A 84 10.87 -13.03 2.51
CA VAL A 84 10.22 -12.40 3.64
C VAL A 84 10.68 -13.08 4.92
N THR A 85 11.25 -12.29 5.84
CA THR A 85 11.63 -12.80 7.14
C THR A 85 11.13 -11.86 8.23
N SER A 86 11.01 -12.39 9.44
CA SER A 86 10.67 -11.56 10.59
C SER A 86 11.48 -11.99 11.78
N SER A 87 11.65 -11.07 12.71
CA SER A 87 12.34 -11.33 13.97
C SER A 87 11.90 -10.25 14.97
N GLY A 88 11.31 -10.67 16.07
CA GLY A 88 10.78 -9.71 17.03
C GLY A 88 9.75 -8.80 16.38
N SER A 89 9.99 -7.49 16.46
CA SER A 89 9.11 -6.49 15.89
C SER A 89 9.49 -6.10 14.46
N SER A 90 10.45 -6.80 13.86
CA SER A 90 10.99 -6.44 12.56
CA SER A 90 11.00 -6.46 12.54
C SER A 90 10.54 -7.39 11.45
N LEU A 91 10.17 -6.79 10.31
CA LEU A 91 9.75 -7.49 9.12
C LEU A 91 10.63 -7.00 7.96
N LYS A 92 11.36 -7.92 7.33
CA LYS A 92 12.25 -7.60 6.22
C LYS A 92 11.72 -8.22 4.92
N LEU A 93 11.53 -7.36 3.93
CA LEU A 93 11.05 -7.75 2.61
C LEU A 93 12.16 -7.56 1.60
N ASN A 94 12.66 -8.65 1.04
CA ASN A 94 13.68 -8.58 -0.01
C ASN A 94 13.02 -8.34 -1.36
N PHE A 95 13.79 -7.77 -2.28
CA PHE A 95 13.29 -7.43 -3.61
C PHE A 95 13.22 -8.66 -4.52
N VAL A 96 14.32 -9.11 -5.10
CA VAL A 96 14.29 -10.25 -5.99
C VAL A 96 14.73 -11.53 -5.28
N THR A 97 13.89 -12.55 -5.35
CA THR A 97 14.24 -13.88 -4.85
C THR A 97 13.89 -14.84 -5.98
N GLY A 98 14.88 -15.40 -6.66
CA GLY A 98 14.58 -16.19 -7.83
C GLY A 98 13.82 -15.35 -8.85
N SER A 99 12.68 -15.85 -9.31
CA SER A 99 11.84 -15.09 -10.24
C SER A 99 10.82 -14.18 -9.53
N ASN A 100 10.77 -14.25 -8.21
CA ASN A 100 9.80 -13.47 -7.47
C ASN A 100 10.27 -12.04 -7.25
N VAL A 101 9.36 -11.07 -7.38
CA VAL A 101 9.66 -9.67 -7.14
C VAL A 101 8.80 -9.10 -5.99
N GLY A 102 9.46 -8.80 -4.89
CA GLY A 102 8.79 -8.20 -3.75
C GLY A 102 7.66 -9.05 -3.19
N SER A 103 6.74 -8.36 -2.51
CA SER A 103 5.72 -9.01 -1.70
C SER A 103 4.74 -7.95 -1.23
N ARG A 104 3.59 -8.42 -0.76
CA ARG A 104 2.57 -7.60 -0.11
C ARG A 104 2.03 -8.45 1.03
N LEU A 105 2.08 -7.91 2.25
CA LEU A 105 1.73 -8.63 3.48
C LEU A 105 0.72 -7.86 4.28
N TYR A 106 -0.12 -8.60 5.01
CA TYR A 106 -1.12 -8.02 5.91
C TYR A 106 -0.87 -8.44 7.33
N LEU A 107 -1.10 -7.54 8.28
CA LEU A 107 -0.99 -7.89 9.70
C LEU A 107 -2.27 -8.59 10.17
N LEU A 108 -2.08 -9.70 10.87
CA LEU A 108 -3.15 -10.55 11.39
C LEU A 108 -3.36 -10.37 12.88
N GLN A 109 -4.63 -10.33 13.27
CA GLN A 109 -5.08 -10.52 14.63
C GLN A 109 -5.01 -11.99 15.04
N ASP A 110 -5.46 -12.87 14.14
CA ASP A 110 -5.37 -14.30 14.36
C ASP A 110 -5.27 -14.96 12.98
N ASP A 111 -5.14 -16.28 12.98
CA ASP A 111 -4.80 -17.01 11.76
C ASP A 111 -5.83 -16.90 10.65
N SER A 112 -7.01 -16.36 10.94
CA SER A 112 -8.09 -16.21 9.98
C SER A 112 -8.65 -14.79 9.93
N THR A 113 -7.98 -13.83 10.54
CA THR A 113 -8.58 -12.50 10.71
C THR A 113 -7.51 -11.42 10.70
N TYR A 114 -7.62 -10.50 9.75
CA TYR A 114 -6.74 -9.34 9.73
C TYR A 114 -6.95 -8.48 10.97
N GLN A 115 -5.87 -7.85 11.44
CA GLN A 115 -5.96 -6.87 12.51
C GLN A 115 -6.63 -5.60 12.00
N ILE A 116 -7.70 -5.18 12.65
CA ILE A 116 -8.38 -3.96 12.28
C ILE A 116 -7.88 -2.83 13.16
N PHE A 117 -7.52 -1.72 12.53
CA PHE A 117 -7.16 -0.48 13.20
C PHE A 117 -8.25 0.54 12.98
N LYS A 118 -8.59 1.25 14.05
CA LYS A 118 -9.53 2.38 14.01
C LYS A 118 -8.68 3.65 14.18
N LEU A 119 -8.34 4.29 13.06
CA LEU A 119 -7.33 5.34 13.06
C LEU A 119 -7.82 6.70 13.55
N LEU A 120 -9.12 6.95 13.61
CA LEU A 120 -9.58 8.31 13.96
C LEU A 120 -9.11 8.70 15.35
N ASN A 121 -8.52 9.89 15.46
CA ASN A 121 -8.04 10.39 16.74
C ASN A 121 -6.98 9.46 17.35
N ARG A 122 -6.16 8.88 16.48
CA ARG A 122 -5.07 8.00 16.87
C ARG A 122 -3.79 8.35 16.12
N GLU A 123 -2.72 7.73 16.59
CA GLU A 123 -1.37 7.90 16.10
C GLU A 123 -0.76 6.54 15.82
N PHE A 124 -0.02 6.44 14.71
CA PHE A 124 0.66 5.21 14.30
C PHE A 124 2.11 5.56 14.03
N SER A 125 3.02 4.79 14.62
CA SER A 125 4.46 4.98 14.47
C SER A 125 5.10 3.69 14.02
N PHE A 126 6.15 3.81 13.21
CA PHE A 126 6.96 2.66 12.87
C PHE A 126 8.36 3.15 12.56
N ASP A 127 9.32 2.23 12.64
CA ASP A 127 10.68 2.47 12.20
C ASP A 127 10.87 1.84 10.83
N VAL A 128 11.72 2.44 10.01
CA VAL A 128 11.98 1.92 8.69
C VAL A 128 13.42 2.13 8.30
N ASP A 129 13.93 1.16 7.54
CA ASP A 129 15.23 1.24 6.86
C ASP A 129 14.95 1.24 5.36
N VAL A 130 15.12 2.41 4.75
CA VAL A 130 14.97 2.57 3.30
C VAL A 130 16.32 2.74 2.61
N SER A 131 17.42 2.51 3.33
CA SER A 131 18.76 2.78 2.81
C SER A 131 19.11 2.00 1.56
N ASN A 132 18.48 0.84 1.38
CA ASN A 132 18.71 -0.01 0.22
C ASN A 132 17.53 -0.03 -0.73
N LEU A 133 16.84 1.11 -0.83
CA LEU A 133 15.77 1.30 -1.82
C LEU A 133 16.15 2.42 -2.79
N PRO A 134 16.60 2.05 -3.99
CA PRO A 134 17.00 3.03 -5.00
C PRO A 134 15.82 3.50 -5.84
N CYS A 135 16.11 4.33 -6.82
CA CYS A 135 15.11 4.80 -7.77
C CYS A 135 14.27 3.66 -8.29
N GLY A 136 12.96 3.87 -8.35
CA GLY A 136 12.09 2.89 -8.96
C GLY A 136 11.48 1.88 -8.01
N LEU A 137 11.94 1.81 -6.77
CA LEU A 137 11.36 0.89 -5.78
C LEU A 137 10.50 1.68 -4.80
N ASN A 138 9.51 0.99 -4.24
CA ASN A 138 8.61 1.58 -3.26
C ASN A 138 8.39 0.58 -2.16
N GLY A 139 8.87 0.91 -0.96
CA GLY A 139 8.48 0.21 0.24
C GLY A 139 7.29 0.94 0.80
N ALA A 140 6.13 0.32 0.76
CA ALA A 140 4.91 0.96 1.21
C ALA A 140 4.40 0.35 2.50
N LEU A 141 3.90 1.21 3.38
CA LEU A 141 3.19 0.80 4.60
C LEU A 141 1.93 1.65 4.61
N TYR A 142 0.78 1.00 4.65
CA TYR A 142 -0.45 1.72 4.42
C TYR A 142 -1.64 0.94 4.95
N PHE A 143 -2.80 1.58 4.91
CA PHE A 143 -4.04 0.98 5.38
C PHE A 143 -5.06 0.97 4.25
N VAL A 144 -5.83 -0.10 4.19
CA VAL A 144 -6.96 -0.22 3.26
C VAL A 144 -8.17 -0.78 3.99
N ALA A 145 -9.36 -0.40 3.52
CA ALA A 145 -10.60 -0.85 4.14
C ALA A 145 -11.05 -2.23 3.62
N MET A 146 -10.19 -3.22 3.82
CA MET A 146 -10.51 -4.62 3.59
C MET A 146 -11.44 -5.15 4.67
N ASP A 147 -12.16 -6.22 4.34
CA ASP A 147 -12.90 -6.97 5.35
C ASP A 147 -11.90 -7.75 6.21
N ALA A 148 -12.13 -7.77 7.51
CA ALA A 148 -11.24 -8.47 8.43
C ALA A 148 -11.09 -9.95 8.09
N ASP A 149 -12.17 -10.59 7.62
CA ASP A 149 -12.12 -12.02 7.35
C ASP A 149 -11.69 -12.35 5.92
N GLY A 150 -11.26 -11.36 5.14
CA GLY A 150 -10.79 -11.61 3.80
C GLY A 150 -11.87 -11.98 2.80
N GLY A 151 -13.13 -11.82 3.19
CA GLY A 151 -14.27 -12.09 2.34
C GLY A 151 -15.06 -13.35 2.62
N VAL A 152 -14.58 -14.21 3.52
CA VAL A 152 -15.16 -15.55 3.60
C VAL A 152 -16.64 -15.57 4.00
N SER A 153 -17.09 -14.64 4.86
CA SER A 153 -18.47 -14.71 5.31
C SER A 153 -19.45 -14.27 4.23
N LYS A 154 -19.00 -13.48 3.26
CA LYS A 154 -19.84 -13.00 2.17
C LYS A 154 -19.81 -13.90 0.94
N TYR A 155 -18.68 -14.59 0.74
CA TYR A 155 -18.38 -15.26 -0.52
C TYR A 155 -18.02 -16.73 -0.28
N PRO A 156 -19.04 -17.61 -0.29
CA PRO A 156 -18.79 -19.00 0.08
C PRO A 156 -17.72 -19.71 -0.72
N ASN A 157 -17.51 -19.34 -1.98
CA ASN A 157 -16.47 -20.00 -2.75
C ASN A 157 -15.07 -19.51 -2.45
N ASN A 158 -14.95 -18.51 -1.58
CA ASN A 158 -13.65 -18.19 -0.99
C ASN A 158 -13.51 -18.99 0.30
N LYS A 159 -12.84 -20.14 0.19
CA LYS A 159 -12.52 -20.97 1.36
C LYS A 159 -11.12 -20.68 1.90
N ALA A 160 -10.32 -19.94 1.18
CA ALA A 160 -8.95 -19.66 1.57
C ALA A 160 -8.88 -18.56 2.65
N GLY A 161 -9.53 -17.42 2.39
CA GLY A 161 -9.67 -16.40 3.38
C GLY A 161 -8.40 -15.62 3.71
N ALA A 162 -8.48 -14.92 4.85
CA ALA A 162 -7.34 -14.16 5.35
C ALA A 162 -6.14 -15.05 5.62
N LYS A 163 -6.37 -16.32 5.93
CA LYS A 163 -5.27 -17.25 6.16
C LYS A 163 -4.34 -17.37 4.94
N TYR A 164 -4.87 -17.09 3.75
CA TYR A 164 -4.11 -17.10 2.51
C TYR A 164 -4.10 -15.73 1.83
N GLY A 165 -4.38 -14.67 2.58
CA GLY A 165 -4.21 -13.33 2.05
C GLY A 165 -5.23 -12.90 1.01
N THR A 166 -6.47 -13.37 1.11
CA THR A 166 -7.50 -12.93 0.19
C THR A 166 -8.10 -11.58 0.58
N GLY A 167 -8.83 -11.01 -0.37
CA GLY A 167 -9.67 -9.86 -0.06
C GLY A 167 -9.08 -8.48 -0.29
N TYR A 168 -7.90 -8.37 -0.88
CA TYR A 168 -7.29 -7.07 -1.08
C TYR A 168 -8.20 -6.14 -1.88
N CYS A 169 -8.11 -4.87 -1.54
CA CYS A 169 -8.73 -3.78 -2.29
C CYS A 169 -7.87 -2.56 -2.06
N ASP A 170 -7.94 -1.59 -2.97
CA ASP A 170 -7.35 -0.29 -2.73
C ASP A 170 -7.98 0.72 -3.66
N SER A 171 -7.48 1.95 -3.63
CA SER A 171 -8.13 3.05 -4.33
C SER A 171 -7.87 3.06 -5.83
N GLN A 172 -7.06 2.12 -6.31
CA GLN A 172 -6.89 1.88 -7.73
C GLN A 172 -7.90 0.88 -8.28
N CYS A 173 -8.77 0.34 -7.42
CA CYS A 173 -9.73 -0.67 -7.85
C CYS A 173 -9.03 -1.76 -8.66
N PRO A 174 -8.00 -2.39 -8.07
CA PRO A 174 -7.12 -3.28 -8.84
C PRO A 174 -7.86 -4.41 -9.54
N ARG A 175 -7.55 -4.55 -10.83
CA ARG A 175 -8.10 -5.58 -11.71
C ARG A 175 -7.10 -6.69 -12.01
N ASP A 176 -5.92 -6.59 -11.41
CA ASP A 176 -4.88 -7.62 -11.58
C ASP A 176 -5.04 -8.81 -10.64
N LEU A 177 -5.99 -8.72 -9.72
CA LEU A 177 -6.20 -9.76 -8.73
C LEU A 177 -6.84 -10.99 -9.37
N LYS A 178 -6.28 -12.15 -9.07
CA LYS A 178 -6.75 -13.39 -9.66
C LYS A 178 -8.10 -13.86 -9.10
N PHE A 179 -8.35 -13.55 -7.83
CA PHE A 179 -9.63 -13.89 -7.20
C PHE A 179 -10.18 -12.67 -6.50
N ILE A 180 -11.42 -12.34 -6.80
CA ILE A 180 -12.14 -11.25 -6.15
C ILE A 180 -13.54 -11.75 -5.83
N ASP A 181 -13.93 -11.63 -4.55
CA ASP A 181 -15.29 -11.91 -4.11
C ASP A 181 -15.69 -13.36 -4.45
N GLY A 182 -14.76 -14.29 -4.25
CA GLY A 182 -15.05 -15.70 -4.40
C GLY A 182 -15.11 -16.20 -5.83
N GLU A 183 -14.73 -15.35 -6.77
CA GLU A 183 -14.69 -15.68 -8.17
C GLU A 183 -13.30 -15.46 -8.72
N ALA A 184 -12.87 -16.33 -9.62
CA ALA A 184 -11.64 -16.05 -10.34
C ALA A 184 -11.87 -14.92 -11.33
N ASN A 185 -10.79 -14.38 -11.87
CA ASN A 185 -10.84 -13.29 -12.83
C ASN A 185 -10.48 -13.80 -14.21
N VAL A 186 -11.07 -14.89 -14.64
CA VAL A 186 -10.65 -15.50 -15.92
C VAL A 186 -11.48 -14.97 -17.09
N GLU A 187 -12.76 -14.71 -16.86
CA GLU A 187 -13.57 -14.13 -17.90
C GLU A 187 -13.08 -12.67 -18.07
N GLY A 188 -12.60 -12.39 -19.25
CA GLY A 188 -12.12 -11.07 -19.54
C GLY A 188 -10.65 -10.91 -19.23
N TRP A 189 -9.96 -11.98 -18.86
CA TRP A 189 -8.54 -11.85 -18.52
C TRP A 189 -7.71 -11.47 -19.73
N GLN A 190 -6.86 -10.47 -19.54
CA GLN A 190 -5.94 -9.99 -20.57
C GLN A 190 -4.52 -9.99 -20.01
N PRO A 191 -3.70 -10.93 -20.46
CA PRO A 191 -2.31 -10.99 -19.98
C PRO A 191 -1.54 -9.70 -20.24
N SER A 192 -0.70 -9.32 -19.29
CA SER A 192 0.17 -8.14 -19.44
C SER A 192 1.19 -8.36 -20.55
N SER A 193 1.46 -7.32 -21.31
CA SER A 193 2.47 -7.39 -22.36
C SER A 193 3.87 -7.30 -21.79
N ASN A 194 4.00 -6.69 -20.61
CA ASN A 194 5.32 -6.39 -20.05
C ASN A 194 5.68 -7.11 -18.76
N ASN A 195 4.74 -7.86 -18.17
CA ASN A 195 5.01 -8.59 -16.95
C ASN A 195 4.54 -10.03 -17.16
N ALA A 196 5.50 -10.96 -17.20
CA ALA A 196 5.23 -12.37 -17.48
C ALA A 196 4.27 -13.06 -16.51
N ASN A 197 4.08 -12.46 -15.34
CA ASN A 197 3.26 -13.09 -14.31
C ASN A 197 1.86 -12.52 -14.13
N THR A 198 1.54 -11.45 -14.84
CA THR A 198 0.35 -10.69 -14.50
C THR A 198 -0.57 -10.47 -15.68
N GLY A 199 -1.78 -10.03 -15.35
CA GLY A 199 -2.77 -9.63 -16.31
C GLY A 199 -3.78 -8.69 -15.66
N ILE A 200 -4.83 -8.42 -16.41
CA ILE A 200 -5.92 -7.57 -16.00
C ILE A 200 -7.22 -8.25 -16.37
N GLY A 201 -8.13 -8.39 -15.41
CA GLY A 201 -9.42 -9.00 -15.68
C GLY A 201 -10.55 -8.00 -15.63
N ASP A 202 -11.75 -8.49 -15.82
CA ASP A 202 -12.92 -7.63 -15.80
C ASP A 202 -13.25 -7.16 -14.39
N HIS A 203 -12.94 -7.94 -13.37
CA HIS A 203 -13.26 -7.54 -12.02
C HIS A 203 -12.15 -6.77 -11.37
N GLY A 204 -12.54 -5.75 -10.61
CA GLY A 204 -11.64 -5.00 -9.77
C GLY A 204 -12.18 -4.89 -8.35
N SER A 205 -11.29 -4.53 -7.41
CA SER A 205 -11.63 -4.53 -6.01
C SER A 205 -11.28 -3.19 -5.36
N CYS A 206 -12.31 -2.38 -5.13
CA CYS A 206 -12.16 -0.99 -4.69
C CYS A 206 -12.34 -0.85 -3.19
N CYS A 207 -11.53 0.02 -2.59
CA CYS A 207 -11.82 0.53 -1.24
C CYS A 207 -10.88 1.69 -0.95
N ALA A 208 -11.27 2.49 0.04
CA ALA A 208 -10.44 3.61 0.44
C ALA A 208 -9.08 3.14 0.97
N GLU A 209 -8.11 4.03 0.84
CA GLU A 209 -6.73 3.72 1.10
C GLU A 209 -6.05 4.91 1.76
N MET A 210 -5.44 4.68 2.92
CA MET A 210 -4.65 5.70 3.58
C MET A 210 -3.17 5.32 3.41
N ASP A 211 -2.50 5.95 2.44
CA ASP A 211 -1.10 5.64 2.16
C ASP A 211 -0.23 6.41 3.14
N VAL A 212 -0.02 5.81 4.31
CA VAL A 212 0.82 6.42 5.32
C VAL A 212 2.23 6.65 4.78
N TRP A 213 2.75 5.66 4.06
CA TRP A 213 4.16 5.64 3.70
C TRP A 213 4.34 4.97 2.35
N GLU A 214 4.76 5.75 1.34
CA GLU A 214 5.25 5.22 0.07
C GLU A 214 6.59 5.88 -0.12
N ALA A 215 7.67 5.11 -0.22
CA ALA A 215 8.99 5.71 -0.10
C ALA A 215 10.11 4.84 -0.61
N ASN A 216 11.19 5.53 -0.94
CA ASN A 216 12.48 4.90 -1.08
C ASN A 216 13.52 5.82 -0.45
N SER A 217 14.80 5.61 -0.72
CA SER A 217 15.84 6.46 -0.15
C SER A 217 15.88 7.86 -0.76
N ILE A 218 15.14 8.09 -1.83
CA ILE A 218 15.10 9.38 -2.52
C ILE A 218 13.95 10.26 -2.03
N SER A 219 12.73 9.72 -2.02
CA SER A 219 11.54 10.51 -1.71
C SER A 219 10.51 9.66 -0.98
N ASN A 220 9.60 10.35 -0.30
CA ASN A 220 8.44 9.73 0.33
C ASN A 220 7.20 10.57 0.12
N ALA A 221 6.04 9.92 0.16
CA ALA A 221 4.75 10.61 0.12
C ALA A 221 3.80 9.98 1.13
N VAL A 222 2.94 10.83 1.70
CA VAL A 222 1.79 10.42 2.52
C VAL A 222 0.54 10.91 1.81
N THR A 223 -0.42 10.01 1.60
CA THR A 223 -1.52 10.27 0.68
C THR A 223 -2.81 9.52 1.05
N PRO A 224 -3.84 10.23 1.55
CA PRO A 224 -5.18 9.63 1.62
C PRO A 224 -5.83 9.58 0.24
N HIS A 225 -6.57 8.49 -0.01
CA HIS A 225 -7.38 8.30 -1.21
C HIS A 225 -8.80 7.84 -0.82
N PRO A 226 -9.81 8.71 -0.96
CA PRO A 226 -11.18 8.32 -0.68
C PRO A 226 -11.84 7.58 -1.83
N CYS A 227 -12.85 6.79 -1.47
CA CYS A 227 -13.79 6.17 -2.42
C CYS A 227 -15.22 6.51 -2.06
N ASP A 228 -16.10 6.42 -3.05
CA ASP A 228 -17.50 6.71 -2.81
C ASP A 228 -18.09 5.72 -1.81
N THR A 229 -17.77 4.43 -1.95
CA THR A 229 -18.08 3.43 -0.92
C THR A 229 -16.80 3.20 -0.14
N PRO A 230 -16.80 3.42 1.19
CA PRO A 230 -15.51 3.34 1.90
C PRO A 230 -14.86 1.95 1.88
N GLY A 231 -15.66 0.93 2.12
CA GLY A 231 -15.18 -0.43 2.19
C GLY A 231 -15.14 -1.15 0.87
N GLN A 232 -14.78 -2.43 0.93
CA GLN A 232 -14.48 -3.20 -0.25
C GLN A 232 -15.73 -3.42 -1.08
N THR A 233 -15.59 -3.18 -2.38
CA THR A 233 -16.66 -3.36 -3.35
C THR A 233 -16.09 -3.81 -4.67
N MET A 234 -16.84 -4.62 -5.41
CA MET A 234 -16.39 -5.03 -6.75
C MET A 234 -16.80 -3.99 -7.79
N CYS A 235 -15.92 -3.79 -8.76
CA CYS A 235 -16.24 -3.02 -9.94
C CYS A 235 -16.05 -3.92 -11.16
N SER A 236 -16.56 -3.47 -12.30
CA SER A 236 -16.33 -4.22 -13.53
C SER A 236 -15.91 -3.35 -14.70
N GLY A 237 -14.88 -3.85 -15.35
CA GLY A 237 -14.40 -3.28 -16.59
C GLY A 237 -13.78 -1.92 -16.42
N ASP A 238 -13.85 -1.15 -17.49
CA ASP A 238 -13.19 0.14 -17.47
C ASP A 238 -13.88 1.14 -16.52
N ASP A 239 -15.11 0.88 -16.10
CA ASP A 239 -15.75 1.70 -15.07
C ASP A 239 -15.07 1.56 -13.71
N CYS A 240 -14.17 0.59 -13.58
CA CYS A 240 -13.33 0.54 -12.38
C CYS A 240 -12.47 1.78 -12.19
N GLY A 241 -12.06 2.41 -13.29
CA GLY A 241 -11.03 3.43 -13.19
C GLY A 241 -9.75 2.83 -12.63
N GLY A 242 -8.94 3.69 -12.03
CA GLY A 242 -7.67 3.26 -11.47
C GLY A 242 -6.61 3.00 -12.52
N THR A 243 -5.43 2.66 -12.05
CA THR A 243 -4.29 2.46 -12.92
C THR A 243 -4.48 1.32 -13.94
N TYR A 244 -5.34 0.33 -13.68
CA TYR A 244 -5.49 -0.79 -14.62
C TYR A 244 -6.58 -0.57 -15.68
N SER A 245 -7.23 0.59 -15.67
CA SER A 245 -8.28 0.87 -16.65
C SER A 245 -7.83 1.91 -17.67
N ASN A 246 -8.62 2.05 -18.72
CA ASN A 246 -8.33 2.98 -19.80
C ASN A 246 -8.28 4.43 -19.32
N ASP A 247 -9.20 4.78 -18.42
CA ASP A 247 -9.31 6.12 -17.86
C ASP A 247 -9.28 5.98 -16.35
N ARG A 248 -8.19 6.46 -15.74
CA ARG A 248 -8.02 6.29 -14.31
C ARG A 248 -9.11 6.97 -13.50
N TYR A 249 -9.79 7.95 -14.10
CA TYR A 249 -10.83 8.73 -13.41
C TYR A 249 -12.27 8.25 -13.67
N ALA A 250 -12.43 7.10 -14.31
CA ALA A 250 -13.76 6.63 -14.69
C ALA A 250 -14.58 5.99 -13.58
N GLY A 251 -13.95 5.75 -12.44
CA GLY A 251 -14.58 4.97 -11.38
C GLY A 251 -14.95 5.74 -10.13
N THR A 252 -15.04 5.00 -9.03
CA THR A 252 -15.60 5.49 -7.79
C THR A 252 -14.57 5.83 -6.72
N CYS A 253 -13.29 5.67 -7.05
CA CYS A 253 -12.20 5.99 -6.13
C CYS A 253 -11.26 7.03 -6.73
N ASP A 254 -10.64 7.83 -5.86
CA ASP A 254 -9.64 8.81 -6.26
C ASP A 254 -8.28 8.12 -6.44
N PRO A 255 -7.81 7.98 -7.68
CA PRO A 255 -6.56 7.24 -7.92
C PRO A 255 -5.31 8.07 -7.61
N ASP A 256 -5.46 9.37 -7.42
CA ASP A 256 -4.31 10.27 -7.25
C ASP A 256 -4.07 10.59 -5.78
N GLY A 257 -5.15 10.87 -5.05
CA GLY A 257 -5.06 11.19 -3.65
C GLY A 257 -4.69 12.63 -3.37
N CYS A 258 -4.64 13.00 -2.11
CA CYS A 258 -4.10 14.29 -1.69
C CYS A 258 -2.75 14.01 -1.04
N ASP A 259 -1.68 14.21 -1.81
CA ASP A 259 -0.35 13.79 -1.38
C ASP A 259 0.48 14.91 -0.78
N PHE A 260 1.30 14.54 0.19
CA PHE A 260 2.38 15.40 0.67
C PHE A 260 3.70 14.63 0.55
N ASN A 261 4.51 15.07 -0.41
CA ASN A 261 5.89 14.61 -0.62
C ASN A 261 6.72 15.88 -0.44
N PRO A 262 7.59 15.96 0.58
CA PRO A 262 8.24 17.24 0.88
C PRO A 262 9.04 17.81 -0.30
N TYR A 263 9.65 16.93 -1.10
CA TYR A 263 10.38 17.36 -2.29
C TYR A 263 9.42 18.02 -3.30
N ARG A 264 8.31 17.35 -3.57
CA ARG A 264 7.28 17.89 -4.47
C ARG A 264 6.69 19.20 -3.91
N MET A 265 6.65 19.31 -2.59
CA MET A 265 6.13 20.53 -1.95
C MET A 265 7.21 21.60 -1.77
N GLY A 266 8.36 21.44 -2.42
CA GLY A 266 9.31 22.53 -2.55
C GLY A 266 10.44 22.55 -1.54
N ASN A 267 10.67 21.47 -0.81
CA ASN A 267 11.83 21.39 0.09
C ASN A 267 12.62 20.14 -0.27
N THR A 268 13.62 20.32 -1.10
CA THR A 268 14.42 19.20 -1.59
C THR A 268 15.50 18.78 -0.60
N SER A 269 15.76 19.60 0.41
CA SER A 269 16.84 19.29 1.35
CA SER A 269 16.83 19.36 1.38
C SER A 269 16.37 18.51 2.56
N PHE A 270 15.06 18.25 2.65
CA PHE A 270 14.53 17.65 3.86
C PHE A 270 14.78 16.15 3.99
N TYR A 271 14.50 15.39 2.94
CA TYR A 271 14.46 13.92 3.01
C TYR A 271 15.29 13.32 1.88
N GLY A 272 16.25 12.46 2.23
CA GLY A 272 17.09 11.79 1.26
C GLY A 272 18.46 11.51 1.84
N PRO A 273 19.39 11.06 1.01
CA PRO A 273 20.68 10.64 1.58
C PRO A 273 21.43 11.85 2.13
N GLY A 274 21.86 11.77 3.39
CA GLY A 274 22.56 12.88 4.02
C GLY A 274 21.72 14.10 4.34
N LYS A 275 20.41 14.01 4.16
CA LYS A 275 19.53 15.16 4.32
C LYS A 275 19.06 15.27 5.77
N ILE A 276 18.11 16.18 6.04
CA ILE A 276 17.68 16.42 7.41
C ILE A 276 17.15 15.13 8.04
N ILE A 277 16.35 14.39 7.30
CA ILE A 277 16.09 12.98 7.57
C ILE A 277 16.98 12.22 6.60
N ASP A 278 17.98 11.54 7.15
CA ASP A 278 19.06 10.95 6.38
C ASP A 278 18.68 9.50 6.07
N THR A 279 18.34 9.24 4.81
CA THR A 279 17.81 7.94 4.44
C THR A 279 18.88 6.85 4.35
N THR A 280 20.14 7.20 4.58
CA THR A 280 21.17 6.17 4.69
C THR A 280 21.10 5.43 6.03
N LYS A 281 20.30 5.92 6.97
CA LYS A 281 20.15 5.32 8.29
C LYS A 281 18.68 5.14 8.62
N PRO A 282 18.34 4.17 9.48
CA PRO A 282 16.93 4.03 9.85
C PRO A 282 16.37 5.26 10.55
N PHE A 283 15.05 5.40 10.52
CA PHE A 283 14.38 6.47 11.23
C PHE A 283 12.95 6.05 11.57
N THR A 284 12.31 6.84 12.42
CA THR A 284 10.94 6.62 12.85
C THR A 284 10.01 7.59 12.14
N VAL A 285 8.85 7.06 11.73
CA VAL A 285 7.81 7.81 11.05
C VAL A 285 6.55 7.78 11.91
N VAL A 286 6.09 8.96 12.36
CA VAL A 286 4.88 9.11 13.15
C VAL A 286 3.82 9.80 12.32
N THR A 287 2.59 9.30 12.36
CA THR A 287 1.47 9.87 11.63
C THR A 287 0.29 9.96 12.56
N GLN A 288 -0.34 11.13 12.60
CA GLN A 288 -1.49 11.40 13.47
C GLN A 288 -2.72 11.70 12.63
N PHE A 289 -3.85 11.12 13.02
CA PHE A 289 -5.13 11.30 12.31
C PHE A 289 -6.06 12.08 13.22
N LEU A 290 -6.02 13.40 13.08
CA LEU A 290 -6.77 14.27 13.97
CA LEU A 290 -6.77 14.30 13.95
C LEU A 290 -8.19 14.49 13.46
N THR A 291 -9.11 14.71 14.40
CA THR A 291 -10.48 14.99 14.08
C THR A 291 -10.85 16.43 14.46
N ASP A 292 -11.94 16.90 13.88
CA ASP A 292 -12.30 18.31 14.00
C ASP A 292 -12.54 18.76 15.44
N ASP A 293 -13.04 17.85 16.27
CA ASP A 293 -13.33 18.18 17.67
C ASP A 293 -12.39 17.47 18.63
N GLY A 294 -11.39 16.75 18.11
CA GLY A 294 -10.40 16.11 18.95
C GLY A 294 -10.89 14.85 19.64
N THR A 295 -12.07 14.36 19.27
CA THR A 295 -12.63 13.16 19.88
C THR A 295 -12.65 12.01 18.87
N ASP A 296 -12.93 10.82 19.36
CA ASP A 296 -13.00 9.62 18.53
C ASP A 296 -14.11 9.66 17.49
N THR A 297 -15.13 10.48 17.73
CA THR A 297 -16.30 10.52 16.84
C THR A 297 -16.36 11.79 16.00
N GLY A 298 -15.31 12.59 16.05
CA GLY A 298 -15.22 13.74 15.17
C GLY A 298 -14.91 13.32 13.74
N THR A 299 -14.97 14.28 12.83
CA THR A 299 -14.63 14.08 11.43
C THR A 299 -13.15 14.27 11.20
N LEU A 300 -12.51 13.34 10.49
CA LEU A 300 -11.11 13.48 10.12
C LEU A 300 -10.88 14.87 9.54
N SER A 301 -9.92 15.59 10.11
CA SER A 301 -9.69 16.99 9.74
C SER A 301 -8.25 17.29 9.37
N GLU A 302 -7.29 16.50 9.84
CA GLU A 302 -5.89 16.85 9.63
C GLU A 302 -5.04 15.62 9.82
N ILE A 303 -4.10 15.41 8.91
CA ILE A 303 -3.13 14.31 9.03
C ILE A 303 -1.76 14.95 9.20
N LYS A 304 -1.13 14.69 10.34
CA LYS A 304 0.16 15.27 10.67
C LYS A 304 1.25 14.20 10.66
N ARG A 305 2.48 14.67 10.41
CA ARG A 305 3.65 13.82 10.27
C ARG A 305 4.80 14.38 11.09
N PHE A 306 5.45 13.50 11.85
CA PHE A 306 6.73 13.78 12.51
C PHE A 306 7.70 12.64 12.18
N TYR A 307 8.98 12.95 12.15
CA TYR A 307 10.03 11.96 12.00
C TYR A 307 10.88 12.01 13.25
N ILE A 308 11.49 10.89 13.60
CA ILE A 308 12.46 10.86 14.68
C ILE A 308 13.70 10.14 14.21
N GLN A 309 14.84 10.81 14.32
CA GLN A 309 16.10 10.18 13.94
C GLN A 309 17.15 10.71 14.91
N ASN A 310 17.97 9.81 15.43
CA ASN A 310 18.95 10.17 16.47
C ASN A 310 18.28 10.86 17.65
N SER A 311 17.06 10.42 17.96
CA SER A 311 16.29 10.95 19.08
C SER A 311 15.78 12.38 18.89
N ASN A 312 16.00 12.95 17.70
CA ASN A 312 15.52 14.28 17.38
C ASN A 312 14.17 14.18 16.70
N VAL A 313 13.18 14.87 17.28
CA VAL A 313 11.82 14.89 16.76
C VAL A 313 11.69 16.06 15.78
N ILE A 314 11.39 15.73 14.54
CA ILE A 314 11.44 16.69 13.44
C ILE A 314 10.08 16.70 12.73
N PRO A 315 9.34 17.82 12.82
CA PRO A 315 8.08 17.90 12.07
C PRO A 315 8.30 17.88 10.57
N GLN A 316 7.30 17.42 9.83
CA GLN A 316 7.25 17.62 8.41
C GLN A 316 7.56 19.08 8.07
N PRO A 317 8.33 19.34 7.00
CA PRO A 317 8.56 20.73 6.61
C PRO A 317 7.28 21.36 6.06
N ASN A 318 7.22 22.68 6.13
CA ASN A 318 6.16 23.40 5.46
C ASN A 318 6.26 23.28 3.94
N SER A 319 5.11 23.29 3.30
CA SER A 319 5.05 23.56 1.88
C SER A 319 5.73 24.87 1.56
N ASP A 320 6.52 24.85 0.49
CA ASP A 320 7.10 26.05 -0.08
C ASP A 320 6.58 26.26 -1.50
N ILE A 321 5.34 25.85 -1.74
CA ILE A 321 4.63 26.11 -2.98
C ILE A 321 3.71 27.30 -2.79
N SER A 322 3.82 28.29 -3.67
CA SER A 322 2.93 29.43 -3.60
C SER A 322 1.49 28.99 -3.64
N GLY A 323 0.70 29.51 -2.70
CA GLY A 323 -0.70 29.19 -2.61
C GLY A 323 -1.04 28.05 -1.65
N VAL A 324 -0.02 27.31 -1.20
CA VAL A 324 -0.26 26.08 -0.46
C VAL A 324 0.47 26.19 0.86
N THR A 325 -0.27 26.26 1.96
CA THR A 325 0.28 26.58 3.27
C THR A 325 0.31 25.41 4.22
N GLY A 326 1.39 25.34 4.99
CA GLY A 326 1.48 24.42 6.12
C GLY A 326 2.16 23.11 5.82
N ASN A 327 2.20 22.26 6.84
CA ASN A 327 2.94 21.02 6.78
C ASN A 327 2.07 19.79 7.00
N SER A 328 0.76 19.95 6.86
CA SER A 328 -0.17 18.86 7.15
C SER A 328 -1.23 18.78 6.07
N ILE A 329 -1.91 17.64 6.04
CA ILE A 329 -2.98 17.41 5.08
C ILE A 329 -4.32 17.78 5.71
N THR A 330 -4.98 18.75 5.10
CA THR A 330 -6.28 19.29 5.53
C THR A 330 -7.08 19.56 4.25
N THR A 331 -8.37 19.80 4.36
CA THR A 331 -9.15 20.14 3.18
C THR A 331 -8.58 21.37 2.46
N GLU A 332 -8.23 22.38 3.22
CA GLU A 332 -7.71 23.60 2.62
C GLU A 332 -6.41 23.35 1.87
N PHE A 333 -5.49 22.58 2.48
CA PHE A 333 -4.24 22.21 1.82
C PHE A 333 -4.51 21.46 0.53
N CYS A 334 -5.42 20.49 0.56
CA CYS A 334 -5.65 19.64 -0.59
C CYS A 334 -6.26 20.42 -1.75
N THR A 335 -7.24 21.29 -1.44
CA THR A 335 -7.83 22.12 -2.47
C THR A 335 -6.77 23.01 -3.11
N ALA A 336 -5.95 23.62 -2.28
CA ALA A 336 -4.91 24.53 -2.76
C ALA A 336 -3.84 23.83 -3.58
N GLN A 337 -3.44 22.64 -3.14
CA GLN A 337 -2.38 21.92 -3.81
C GLN A 337 -2.83 21.50 -5.22
N LYS A 338 -4.05 21.03 -5.35
CA LYS A 338 -4.52 20.63 -6.67
C LYS A 338 -4.57 21.84 -7.60
N GLN A 339 -5.02 22.98 -7.09
CA GLN A 339 -5.06 24.20 -7.88
C GLN A 339 -3.65 24.64 -8.29
N ALA A 340 -2.71 24.63 -7.35
CA ALA A 340 -1.36 25.11 -7.63
C ALA A 340 -0.64 24.23 -8.66
N PHE A 341 -0.90 22.94 -8.60
CA PHE A 341 -0.23 21.98 -9.47
C PHE A 341 -0.97 21.74 -10.80
N GLY A 342 -2.19 22.26 -10.89
CA GLY A 342 -3.00 22.04 -12.08
C GLY A 342 -3.50 20.61 -12.21
N ASP A 343 -3.63 19.91 -11.09
CA ASP A 343 -4.07 18.52 -11.09
C ASP A 343 -5.57 18.46 -10.82
N THR A 344 -6.26 17.49 -11.42
CA THR A 344 -7.68 17.40 -11.20
CA THR A 344 -7.69 17.35 -11.22
C THR A 344 -7.98 17.05 -9.75
N ASP A 345 -9.00 17.70 -9.20
CA ASP A 345 -9.30 17.52 -7.79
C ASP A 345 -10.25 16.33 -7.61
N ASP A 346 -9.73 15.15 -7.89
CA ASP A 346 -10.52 13.94 -7.75
C ASP A 346 -10.73 13.60 -6.27
N PHE A 347 -9.80 14.04 -5.44
CA PHE A 347 -9.91 13.91 -3.98
C PHE A 347 -11.21 14.51 -3.48
N SER A 348 -11.47 15.75 -3.85
CA SER A 348 -12.71 16.39 -3.47
C SER A 348 -13.93 15.69 -4.10
N GLN A 349 -13.80 15.27 -5.35
CA GLN A 349 -14.91 14.62 -6.06
C GLN A 349 -15.39 13.37 -5.33
N HIS A 350 -14.48 12.66 -4.68
CA HIS A 350 -14.83 11.42 -4.02
C HIS A 350 -14.93 11.57 -2.49
N GLY A 351 -15.11 12.81 -2.03
CA GLY A 351 -15.49 13.05 -0.65
C GLY A 351 -14.38 13.43 0.30
N GLY A 352 -13.15 13.55 -0.20
CA GLY A 352 -12.04 14.07 0.56
C GLY A 352 -11.85 13.40 1.91
N LEU A 353 -11.48 14.21 2.90
CA LEU A 353 -11.21 13.70 4.23
C LEU A 353 -12.46 13.15 4.89
N ALA A 354 -13.65 13.65 4.55
CA ALA A 354 -14.87 13.11 5.14
C ALA A 354 -15.05 11.65 4.75
N LYS A 355 -14.83 11.33 3.49
CA LYS A 355 -14.95 9.95 3.05
C LYS A 355 -13.77 9.10 3.47
N MET A 356 -12.57 9.69 3.54
CA MET A 356 -11.42 8.97 4.10
C MET A 356 -11.72 8.57 5.54
N GLY A 357 -12.25 9.51 6.31
CA GLY A 357 -12.57 9.30 7.70
C GLY A 357 -13.68 8.27 7.90
N ALA A 358 -14.67 8.28 7.00
CA ALA A 358 -15.72 7.25 7.05
C ALA A 358 -15.11 5.86 6.87
N ALA A 359 -14.14 5.72 5.97
CA ALA A 359 -13.43 4.45 5.83
C ALA A 359 -12.69 4.12 7.13
N MET A 360 -12.03 5.11 7.72
CA MET A 360 -11.33 4.85 8.97
C MET A 360 -12.29 4.34 10.04
N GLN A 361 -13.50 4.88 10.05
CA GLN A 361 -14.50 4.48 11.02
C GLN A 361 -14.95 3.02 10.80
N GLN A 362 -14.89 2.53 9.56
CA GLN A 362 -15.24 1.14 9.27
C GLN A 362 -14.17 0.17 9.74
N GLY A 363 -12.95 0.66 9.90
CA GLY A 363 -11.83 -0.17 10.28
C GLY A 363 -10.96 -0.52 9.08
N MET A 364 -9.64 -0.50 9.25
CA MET A 364 -8.72 -0.71 8.16
C MET A 364 -7.61 -1.68 8.53
N VAL A 365 -7.10 -2.35 7.51
CA VAL A 365 -6.06 -3.36 7.59
C VAL A 365 -4.70 -2.76 7.23
N LEU A 366 -3.67 -3.13 7.99
CA LEU A 366 -2.31 -2.72 7.75
C LEU A 366 -1.65 -3.61 6.70
N VAL A 367 -1.10 -2.94 5.70
CA VAL A 367 -0.39 -3.54 4.57
C VAL A 367 1.05 -3.07 4.59
N MET A 368 1.98 -4.01 4.34
CA MET A 368 3.39 -3.69 4.13
C MET A 368 3.82 -4.37 2.83
N SER A 369 4.41 -3.60 1.93
CA SER A 369 4.76 -4.14 0.62
C SER A 369 6.07 -3.57 0.11
N LEU A 370 6.58 -4.21 -0.93
CA LEU A 370 7.76 -3.75 -1.66
C LEU A 370 7.48 -4.04 -3.13
N TRP A 371 7.53 -3.02 -3.97
CA TRP A 371 7.16 -3.16 -5.36
C TRP A 371 7.96 -2.25 -6.29
N ASP A 372 7.98 -2.65 -7.55
CA ASP A 372 8.34 -1.80 -8.67
C ASP A 372 7.14 -1.65 -9.58
N ASP A 373 7.23 -0.71 -10.53
CA ASP A 373 6.05 -0.10 -11.14
C ASP A 373 6.09 -0.29 -12.64
N TYR A 374 5.27 -1.25 -13.04
N TYR A 374 5.36 -1.24 -13.20
CA TYR A 374 5.08 -1.69 -14.40
CA TYR A 374 5.37 -1.36 -14.67
C TYR A 374 4.17 -0.76 -15.23
C TYR A 374 4.63 -0.21 -15.34
N ALA A 375 3.68 0.36 -14.63
CA ALA A 375 2.89 1.39 -15.29
C ALA A 375 3.68 2.71 -15.48
N ALA A 376 4.36 3.17 -14.43
CA ALA A 376 4.95 4.49 -14.44
C ALA A 376 6.32 4.57 -13.80
N GLN A 377 6.94 3.42 -13.52
CA GLN A 377 8.35 3.37 -13.10
C GLN A 377 8.66 4.12 -11.81
N MET A 378 7.64 4.33 -10.99
CA MET A 378 7.77 5.09 -9.75
C MET A 378 8.20 6.54 -9.99
N LEU A 379 8.06 7.03 -11.22
CA LEU A 379 8.51 8.38 -11.52
C LEU A 379 7.69 9.44 -10.78
N TRP A 380 6.43 9.11 -10.52
CA TRP A 380 5.51 9.96 -9.76
C TRP A 380 6.00 10.18 -8.32
N LEU A 381 6.80 9.26 -7.79
CA LEU A 381 7.32 9.33 -6.44
C LEU A 381 8.67 10.04 -6.39
N ASP A 382 9.54 9.72 -7.35
CA ASP A 382 10.96 10.05 -7.19
C ASP A 382 11.63 10.76 -8.36
N SER A 383 10.88 11.17 -9.37
CA SER A 383 11.45 11.79 -10.57
C SER A 383 10.64 13.01 -10.97
N ASP A 384 10.73 13.37 -12.25
CA ASP A 384 9.97 14.45 -12.85
C ASP A 384 8.83 13.82 -13.63
N TYR A 385 7.59 14.23 -13.31
CA TYR A 385 6.44 13.51 -13.82
C TYR A 385 5.29 14.47 -14.00
N PRO A 386 4.64 14.43 -15.18
CA PRO A 386 4.94 13.63 -16.35
C PRO A 386 6.31 14.02 -16.92
N THR A 387 6.89 13.11 -17.69
CA THR A 387 8.28 13.27 -18.11
C THR A 387 8.46 14.32 -19.21
N ASP A 388 7.37 14.76 -19.83
CA ASP A 388 7.47 15.77 -20.88
C ASP A 388 7.41 17.19 -20.33
N ALA A 389 7.04 17.35 -19.07
CA ALA A 389 6.84 18.66 -18.49
C ALA A 389 8.15 19.30 -18.08
N ASP A 390 8.13 20.61 -17.90
CA ASP A 390 9.29 21.35 -17.41
C ASP A 390 9.47 21.04 -15.93
N PRO A 391 10.63 20.50 -15.53
CA PRO A 391 10.83 20.15 -14.12
C PRO A 391 10.82 21.33 -13.14
N THR A 392 10.88 22.57 -13.65
CA THR A 392 10.77 23.73 -12.77
C THR A 392 9.31 24.13 -12.51
N THR A 393 8.36 23.55 -13.22
CA THR A 393 6.96 23.88 -12.98
C THR A 393 6.52 23.24 -11.65
N PRO A 394 5.86 24.01 -10.77
CA PRO A 394 5.45 23.40 -9.49
C PRO A 394 4.61 22.14 -9.71
N GLY A 395 4.95 21.11 -8.96
CA GLY A 395 4.26 19.83 -9.01
C GLY A 395 4.95 18.76 -9.83
N ILE A 396 5.84 19.15 -10.73
CA ILE A 396 6.49 18.20 -11.62
C ILE A 396 7.59 17.39 -10.95
N ALA A 397 8.51 18.05 -10.25
CA ALA A 397 9.66 17.38 -9.67
C ALA A 397 9.31 16.79 -8.30
N ARG A 398 9.48 15.48 -8.18
CA ARG A 398 9.16 14.73 -6.96
C ARG A 398 10.38 14.09 -6.30
N GLY A 399 11.50 13.98 -7.02
CA GLY A 399 12.73 13.50 -6.47
C GLY A 399 13.85 13.70 -7.49
N THR A 400 15.00 13.12 -7.21
CA THR A 400 16.24 13.32 -7.97
C THR A 400 16.43 12.36 -9.12
N CYS A 401 15.59 11.33 -9.22
CA CYS A 401 15.83 10.26 -10.18
C CYS A 401 15.61 10.74 -11.60
N PRO A 402 16.43 10.27 -12.55
CA PRO A 402 16.20 10.62 -13.95
C PRO A 402 14.91 9.98 -14.47
N THR A 403 14.36 10.55 -15.52
CA THR A 403 13.11 10.05 -16.07
C THR A 403 13.25 8.70 -16.78
N ASP A 404 14.47 8.24 -17.03
CA ASP A 404 14.65 6.89 -17.58
C ASP A 404 14.88 5.82 -16.50
N SER A 405 14.73 6.20 -15.23
CA SER A 405 14.92 5.29 -14.11
C SER A 405 13.68 4.42 -13.87
N GLY A 406 13.87 3.39 -13.06
CA GLY A 406 12.74 2.63 -12.57
C GLY A 406 12.11 1.62 -13.49
N VAL A 407 12.69 1.35 -14.65
CA VAL A 407 12.13 0.31 -15.51
C VAL A 407 12.30 -1.02 -14.79
N PRO A 408 11.22 -1.83 -14.66
CA PRO A 408 11.35 -3.07 -13.89
C PRO A 408 12.50 -3.97 -14.33
N SER A 409 12.70 -4.16 -15.63
CA SER A 409 13.79 -5.04 -16.05
C SER A 409 15.16 -4.50 -15.63
N ASP A 410 15.31 -3.19 -15.58
CA ASP A 410 16.55 -2.59 -15.11
C ASP A 410 16.73 -2.78 -13.61
N VAL A 411 15.75 -2.37 -12.81
CA VAL A 411 15.94 -2.41 -11.37
C VAL A 411 15.97 -3.82 -10.80
N GLU A 412 15.25 -4.75 -11.43
CA GLU A 412 15.29 -6.14 -10.99
C GLU A 412 16.64 -6.77 -11.26
N SER A 413 17.27 -6.37 -12.37
CA SER A 413 18.61 -6.84 -12.71
C SER A 413 19.70 -6.17 -11.87
N GLN A 414 19.56 -4.86 -11.66
CA GLN A 414 20.63 -4.08 -11.03
C GLN A 414 20.53 -4.03 -9.51
N SER A 415 19.36 -4.20 -8.94
CA SER A 415 19.20 -4.06 -7.50
C SER A 415 18.46 -5.23 -6.83
N PRO A 416 18.81 -6.47 -7.20
CA PRO A 416 18.03 -7.60 -6.68
C PRO A 416 18.10 -7.74 -5.16
N ASN A 417 19.20 -7.33 -4.55
CA ASN A 417 19.39 -7.47 -3.11
C ASN A 417 18.85 -6.30 -2.30
N SER A 418 18.20 -5.35 -2.96
CA SER A 418 17.49 -4.33 -2.24
C SER A 418 16.42 -4.96 -1.33
N TYR A 419 16.01 -4.18 -0.34
CA TYR A 419 15.06 -4.65 0.66
C TYR A 419 14.49 -3.43 1.37
N VAL A 420 13.39 -3.63 2.08
CA VAL A 420 12.89 -2.68 3.06
C VAL A 420 12.66 -3.45 4.38
N THR A 421 12.94 -2.78 5.50
CA THR A 421 12.69 -3.37 6.81
C THR A 421 11.84 -2.42 7.64
N TYR A 422 10.69 -2.90 8.07
CA TYR A 422 9.76 -2.19 8.96
C TYR A 422 9.90 -2.77 10.35
N SER A 423 9.87 -1.92 11.38
CA SER A 423 10.00 -2.46 12.72
C SER A 423 9.34 -1.54 13.74
N ASN A 424 9.24 -2.05 14.97
CA ASN A 424 8.83 -1.23 16.10
CA ASN A 424 8.81 -1.24 16.11
C ASN A 424 7.52 -0.47 15.86
N ILE A 425 6.51 -1.17 15.38
CA ILE A 425 5.20 -0.58 15.19
C ILE A 425 4.57 -0.26 16.55
N LYS A 426 4.05 0.96 16.68
CA LYS A 426 3.36 1.41 17.87
C LYS A 426 2.08 2.14 17.47
N PHE A 427 1.02 1.96 18.24
CA PHE A 427 -0.27 2.53 17.91
C PHE A 427 -0.99 2.92 19.20
N GLY A 428 -1.61 4.09 19.22
CA GLY A 428 -2.36 4.50 20.39
C GLY A 428 -2.90 5.91 20.25
N PRO A 429 -3.34 6.49 21.36
CA PRO A 429 -3.79 7.88 21.38
C PRO A 429 -2.73 8.84 20.85
N ILE A 430 -3.20 10.02 20.44
CA ILE A 430 -2.30 11.10 20.04
C ILE A 430 -1.25 11.31 21.14
N ASN A 431 0.00 11.43 20.69
CA ASN A 431 1.18 11.68 21.52
C ASN A 431 1.67 10.49 22.32
N SER A 432 1.04 9.32 22.18
CA SER A 432 1.38 8.19 23.02
C SER A 432 2.56 7.38 22.52
N THR A 433 2.95 7.56 21.25
CA THR A 433 3.96 6.69 20.66
C THR A 433 5.37 7.30 20.58
N PHE A 434 5.51 8.58 20.93
CA PHE A 434 6.79 9.31 20.77
C PHE A 434 6.84 10.48 21.74
N THR A 435 7.98 11.14 21.81
CA THR A 435 8.15 12.28 22.72
C THR A 435 7.70 13.57 22.03
N ALA A 436 6.44 13.94 22.26
CA ALA A 436 5.86 15.10 21.59
C ALA A 436 6.45 16.40 22.12
#